data_7M5I
#
_entry.id   7M5I
#
_cell.length_a   67.874
_cell.length_b   67.874
_cell.length_c   134.437
_cell.angle_alpha   90.000
_cell.angle_beta   90.000
_cell.angle_gamma   120.000
#
_symmetry.space_group_name_H-M   'P 32 2 1'
#
loop_
_entity.id
_entity.type
_entity.pdbx_description
1 polymer Endolysin
2 non-polymer 'PHOSPHATE ION'
3 water water
#
_entity_poly.entity_id   1
_entity_poly.type   'polypeptide(L)'
_entity_poly.pdbx_seq_one_letter_code
;LYFQGHMQLSRKGLDAIKFFEGLELEAYEDSAGIPTIGYGTIRIDGKPVKMGMKITAEQAEQYLLADVEKFVAAVNKAIK
VPTTQNEFDALVSETYNIGITAMQDSTFIKRHNAGNKVGCAEAMQWWNKVTVKGKKVTSNGLKNRRRMEADIYLDSVYPK
;
_entity_poly.pdbx_strand_id   B,A
#
loop_
_chem_comp.id
_chem_comp.type
_chem_comp.name
_chem_comp.formula
PO4 non-polymer 'PHOSPHATE ION' 'O4 P -3'
#
# COMPACT_ATOMS: atom_id res chain seq x y z
N PHE A 3 11.66 -13.82 -4.59
CA PHE A 3 12.69 -13.47 -3.53
C PHE A 3 12.06 -12.45 -2.55
N GLN A 4 12.20 -12.68 -1.23
CA GLN A 4 11.88 -11.73 -0.12
C GLN A 4 13.19 -11.36 0.59
N GLY A 5 13.35 -10.10 1.03
CA GLY A 5 14.53 -9.65 1.78
C GLY A 5 14.53 -10.13 3.24
N HIS A 6 15.71 -10.37 3.83
CA HIS A 6 15.97 -10.43 5.30
C HIS A 6 17.19 -9.55 5.61
N MET A 7 17.40 -8.50 4.85
CA MET A 7 18.55 -7.58 5.06
C MET A 7 18.28 -6.67 6.28
N GLN A 8 19.36 -6.09 6.83
CA GLN A 8 19.31 -5.15 7.96
C GLN A 8 19.94 -3.85 7.48
N LEU A 9 19.54 -2.75 8.08
CA LEU A 9 20.22 -1.45 7.89
C LEU A 9 21.65 -1.56 8.44
N SER A 10 22.64 -1.14 7.68
CA SER A 10 24.05 -1.25 8.13
C SER A 10 24.30 -0.15 9.16
N ARG A 11 25.44 -0.22 9.85
CA ARG A 11 25.90 0.89 10.73
C ARG A 11 26.00 2.16 9.90
N LYS A 12 26.62 2.06 8.71
CA LYS A 12 26.76 3.25 7.83
C LYS A 12 25.38 3.77 7.40
N GLY A 13 24.43 2.89 7.18
CA GLY A 13 23.07 3.30 6.79
C GLY A 13 22.37 4.02 7.94
N LEU A 14 22.56 3.52 9.17
CA LEU A 14 21.94 4.19 10.35
C LEU A 14 22.61 5.57 10.52
N ASP A 15 23.92 5.64 10.37
CA ASP A 15 24.71 6.90 10.46
C ASP A 15 24.15 7.90 9.44
N ALA A 16 23.81 7.47 8.22
CA ALA A 16 23.27 8.35 7.17
C ALA A 16 21.89 8.87 7.58
N ILE A 17 21.02 8.04 8.11
CA ILE A 17 19.66 8.50 8.53
C ILE A 17 19.84 9.49 9.68
N LYS A 18 20.74 9.20 10.63
CA LYS A 18 21.03 10.16 11.74
C LYS A 18 21.41 11.50 11.13
N PHE A 19 22.31 11.49 10.16
CA PHE A 19 22.86 12.70 9.51
C PHE A 19 21.73 13.49 8.84
N PHE A 20 20.83 12.80 8.14
CA PHE A 20 19.68 13.44 7.45
C PHE A 20 18.67 14.05 8.43
N GLU A 21 18.48 13.43 9.61
CA GLU A 21 17.46 13.87 10.58
C GLU A 21 18.03 15.02 11.44
N GLY A 22 19.30 15.00 11.74
CA GLY A 22 19.88 15.85 12.79
C GLY A 22 19.49 15.32 14.18
N LEU A 23 20.05 15.90 15.23
CA LEU A 23 19.86 15.40 16.61
C LEU A 23 19.49 16.54 17.55
N GLU A 24 18.41 16.39 18.32
CA GLU A 24 18.20 17.33 19.43
C GLU A 24 17.88 16.49 20.64
N LEU A 25 18.47 16.82 21.76
CA LEU A 25 18.17 16.04 23.00
C LEU A 25 17.00 16.62 23.79
N GLU A 26 16.61 17.86 23.51
CA GLU A 26 15.40 18.46 24.10
C GLU A 26 14.32 18.52 23.03
N ALA A 27 13.11 18.18 23.46
CA ALA A 27 11.93 18.23 22.57
C ALA A 27 11.80 19.64 21.97
N TYR A 28 11.40 19.69 20.72
CA TYR A 28 11.12 20.97 20.02
C TYR A 28 9.90 20.71 19.15
N GLU A 29 9.20 21.80 18.88
CA GLU A 29 8.05 21.79 17.97
C GLU A 29 8.61 22.03 16.58
N ASP A 30 8.37 21.11 15.67
CA ASP A 30 8.78 21.26 14.27
C ASP A 30 7.92 22.32 13.59
N SER A 31 8.22 22.56 12.31
CA SER A 31 7.61 23.63 11.51
C SER A 31 6.11 23.36 11.35
N ALA A 32 5.70 22.09 11.41
CA ALA A 32 4.28 21.68 11.29
C ALA A 32 3.59 21.63 12.67
N GLY A 33 4.29 21.95 13.76
CA GLY A 33 3.72 22.02 15.11
C GLY A 33 3.78 20.69 15.88
N ILE A 34 4.54 19.72 15.42
CA ILE A 34 4.62 18.36 16.05
C ILE A 34 5.81 18.31 16.99
N PRO A 35 5.60 18.00 18.28
CA PRO A 35 6.75 17.76 19.17
C PRO A 35 7.64 16.62 18.65
N THR A 36 8.94 16.92 18.58
CA THR A 36 9.99 16.06 17.98
C THR A 36 11.19 16.00 18.93
N ILE A 37 11.89 14.89 18.95
CA ILE A 37 13.08 14.74 19.81
C ILE A 37 14.04 13.73 19.16
N GLY A 38 15.30 13.76 19.58
CA GLY A 38 16.28 12.79 19.10
C GLY A 38 16.56 12.99 17.61
N TYR A 39 16.62 11.90 16.86
CA TYR A 39 16.82 11.88 15.40
C TYR A 39 15.48 11.89 14.68
N GLY A 40 14.69 12.95 14.90
CA GLY A 40 13.42 13.12 14.18
C GLY A 40 12.28 12.23 14.71
N THR A 41 12.41 11.77 15.92
CA THR A 41 11.43 10.91 16.57
C THR A 41 10.20 11.73 16.98
N ILE A 42 8.99 11.25 16.66
CA ILE A 42 7.73 11.90 17.14
C ILE A 42 6.88 10.92 17.98
N ARG A 43 7.26 9.63 18.09
CA ARG A 43 6.57 8.64 18.96
C ARG A 43 7.62 7.75 19.62
N ILE A 44 7.47 7.51 20.93
CA ILE A 44 8.36 6.66 21.77
C ILE A 44 7.47 5.58 22.38
N ASP A 45 7.76 4.32 22.05
CA ASP A 45 7.06 3.14 22.64
C ASP A 45 5.56 3.42 22.55
N GLY A 46 5.12 3.82 21.35
CA GLY A 46 3.70 3.95 20.94
C GLY A 46 3.05 5.24 21.42
N LYS A 47 3.78 6.13 22.13
CA LYS A 47 3.22 7.35 22.79
C LYS A 47 3.87 8.59 22.20
N PRO A 48 3.17 9.75 22.16
CA PRO A 48 3.75 10.94 21.51
C PRO A 48 4.94 11.43 22.33
N VAL A 49 5.84 12.11 21.64
CA VAL A 49 6.88 12.97 22.25
C VAL A 49 6.15 14.15 22.91
N LYS A 50 6.62 14.59 24.06
CA LYS A 50 6.05 15.73 24.83
C LYS A 50 7.11 16.84 24.97
N MET A 51 6.64 18.09 24.88
CA MET A 51 7.48 19.24 25.15
C MET A 51 7.98 19.15 26.60
N GLY A 52 9.17 19.69 26.80
CA GLY A 52 9.90 19.64 28.07
C GLY A 52 10.71 18.38 28.25
N MET A 53 10.56 17.36 27.40
CA MET A 53 11.31 16.10 27.60
C MET A 53 12.78 16.33 27.24
N LYS A 54 13.66 15.62 27.93
CA LYS A 54 15.12 15.58 27.61
C LYS A 54 15.54 14.13 27.61
N ILE A 55 16.33 13.74 26.65
CA ILE A 55 16.79 12.36 26.48
C ILE A 55 18.31 12.38 26.30
N THR A 56 18.94 11.23 26.46
CA THR A 56 20.39 11.05 26.15
C THR A 56 20.57 10.71 24.69
N ALA A 57 21.80 10.80 24.19
CA ALA A 57 22.14 10.39 22.82
C ALA A 57 21.85 8.87 22.66
N GLU A 58 22.07 8.09 23.70
CA GLU A 58 21.82 6.61 23.66
C GLU A 58 20.32 6.36 23.47
N GLN A 59 19.50 7.08 24.23
CA GLN A 59 18.03 6.97 24.10
C GLN A 59 17.67 7.36 22.66
N ALA A 60 18.21 8.45 22.12
CA ALA A 60 17.90 8.90 20.75
C ALA A 60 18.18 7.79 19.76
N GLU A 61 19.31 7.10 19.89
CA GLU A 61 19.61 5.99 18.95
C GLU A 61 18.59 4.85 19.12
N GLN A 62 18.27 4.52 20.37
CA GLN A 62 17.28 3.45 20.68
C GLN A 62 15.96 3.76 19.96
N TYR A 63 15.49 5.02 20.07
CA TYR A 63 14.17 5.39 19.50
C TYR A 63 14.25 5.34 17.99
N LEU A 64 15.36 5.73 17.39
CA LEU A 64 15.51 5.75 15.91
C LEU A 64 15.51 4.29 15.43
N LEU A 65 16.23 3.40 16.10
CA LEU A 65 16.23 1.95 15.76
C LEU A 65 14.79 1.40 15.79
N ALA A 66 14.01 1.77 16.78
CA ALA A 66 12.63 1.25 16.93
C ALA A 66 11.78 1.84 15.79
N ASP A 67 11.95 3.13 15.49
CA ASP A 67 11.23 3.90 14.44
C ASP A 67 11.47 3.22 13.06
N VAL A 68 12.71 2.81 12.75
CA VAL A 68 13.07 2.46 11.34
C VAL A 68 12.65 1.01 11.06
N GLU A 69 12.34 0.22 12.07
CA GLU A 69 12.14 -1.25 11.97
C GLU A 69 11.09 -1.58 10.90
N LYS A 70 9.94 -0.89 10.92
CA LYS A 70 8.84 -1.22 9.99
C LYS A 70 9.24 -0.83 8.57
N PHE A 71 10.15 0.12 8.38
CA PHE A 71 10.63 0.60 7.07
C PHE A 71 11.63 -0.38 6.48
N VAL A 72 12.52 -0.90 7.30
CA VAL A 72 13.41 -2.03 6.93
C VAL A 72 12.53 -3.22 6.46
N ALA A 73 11.49 -3.55 7.23
CA ALA A 73 10.60 -4.70 6.90
C ALA A 73 9.97 -4.44 5.52
N ALA A 74 9.45 -3.24 5.32
CA ALA A 74 8.71 -2.90 4.08
C ALA A 74 9.67 -2.96 2.88
N VAL A 75 10.88 -2.46 3.02
CA VAL A 75 11.82 -2.48 1.86
C VAL A 75 12.16 -3.96 1.55
N ASN A 76 12.42 -4.78 2.56
CA ASN A 76 12.65 -6.24 2.40
C ASN A 76 11.53 -6.81 1.54
N LYS A 77 10.27 -6.51 1.87
CA LYS A 77 9.10 -7.11 1.18
C LYS A 77 8.94 -6.56 -0.24
N ALA A 78 9.32 -5.31 -0.50
CA ALA A 78 9.18 -4.66 -1.83
C ALA A 78 10.28 -5.10 -2.81
N ILE A 79 11.45 -5.48 -2.32
CA ILE A 79 12.60 -5.84 -3.20
C ILE A 79 12.41 -7.28 -3.67
N LYS A 80 12.62 -7.50 -4.96
CA LYS A 80 12.38 -8.84 -5.59
C LYS A 80 13.66 -9.37 -6.25
N VAL A 81 14.78 -8.69 -6.10
CA VAL A 81 16.08 -9.05 -6.72
C VAL A 81 17.16 -8.93 -5.67
N PRO A 82 18.29 -9.64 -5.86
CA PRO A 82 19.48 -9.44 -5.04
C PRO A 82 19.90 -7.97 -5.04
N THR A 83 20.21 -7.47 -3.85
CA THR A 83 20.35 -6.05 -3.52
C THR A 83 21.61 -5.89 -2.66
N THR A 84 22.48 -4.97 -3.02
CA THR A 84 23.72 -4.68 -2.26
C THR A 84 23.38 -3.95 -0.96
N GLN A 85 24.26 -4.00 0.02
CA GLN A 85 23.98 -3.36 1.33
C GLN A 85 23.70 -1.87 1.12
N ASN A 86 24.47 -1.21 0.26
CA ASN A 86 24.35 0.25 0.05
C ASN A 86 23.05 0.52 -0.69
N GLU A 87 22.63 -0.30 -1.64
CA GLU A 87 21.31 -0.12 -2.28
C GLU A 87 20.21 -0.23 -1.23
N PHE A 88 20.30 -1.23 -0.36
CA PHE A 88 19.29 -1.44 0.72
C PHE A 88 19.31 -0.21 1.65
N ASP A 89 20.48 0.22 2.09
CA ASP A 89 20.57 1.38 2.99
C ASP A 89 19.88 2.61 2.39
N ALA A 90 20.16 2.90 1.13
CA ALA A 90 19.59 4.05 0.43
C ALA A 90 18.08 3.93 0.33
N LEU A 91 17.57 2.76 -0.07
CA LEU A 91 16.11 2.56 -0.21
C LEU A 91 15.43 2.69 1.16
N VAL A 92 16.07 2.22 2.22
CA VAL A 92 15.45 2.36 3.59
C VAL A 92 15.47 3.84 3.99
N SER A 93 16.60 4.52 3.82
CA SER A 93 16.67 6.00 4.11
C SER A 93 15.53 6.75 3.38
N GLU A 94 15.34 6.54 2.10
CA GLU A 94 14.34 7.28 1.32
C GLU A 94 12.93 6.87 1.78
N THR A 95 12.69 5.58 1.99
CA THR A 95 11.36 5.10 2.40
C THR A 95 11.02 5.68 3.79
N TYR A 96 11.99 5.79 4.66
CA TYR A 96 11.81 6.36 6.02
C TYR A 96 11.29 7.79 5.93
N ASN A 97 11.62 8.49 4.86
CA ASN A 97 11.19 9.90 4.63
C ASN A 97 9.88 9.93 3.87
N ILE A 98 9.72 9.18 2.79
CA ILE A 98 8.52 9.33 1.93
C ILE A 98 7.35 8.44 2.43
N GLY A 99 7.64 7.44 3.23
CA GLY A 99 6.69 6.47 3.77
C GLY A 99 6.57 5.21 2.92
N ILE A 100 5.92 4.23 3.50
CA ILE A 100 5.84 2.85 2.96
C ILE A 100 5.02 2.84 1.68
N THR A 101 3.78 3.36 1.70
CA THR A 101 2.91 3.35 0.52
C THR A 101 3.57 4.03 -0.68
N ALA A 102 4.26 5.15 -0.46
CA ALA A 102 4.85 5.92 -1.57
C ALA A 102 5.96 5.05 -2.20
N MET A 103 6.78 4.44 -1.35
CA MET A 103 7.88 3.56 -1.86
C MET A 103 7.25 2.39 -2.62
N GLN A 104 6.22 1.76 -2.07
CA GLN A 104 5.66 0.51 -2.68
C GLN A 104 5.19 0.76 -4.10
N ASP A 105 4.61 1.91 -4.36
CA ASP A 105 3.98 2.27 -5.66
C ASP A 105 4.93 3.10 -6.52
N SER A 106 6.17 3.30 -6.09
CA SER A 106 7.15 4.21 -6.75
C SER A 106 7.66 3.63 -8.07
N THR A 107 8.04 4.49 -8.99
CA THR A 107 8.86 4.13 -10.15
C THR A 107 10.24 3.62 -9.70
N PHE A 108 10.87 4.23 -8.69
CA PHE A 108 12.25 3.83 -8.32
C PHE A 108 12.25 2.34 -7.96
N ILE A 109 11.27 1.84 -7.25
CA ILE A 109 11.33 0.43 -6.76
C ILE A 109 11.09 -0.52 -7.94
N LYS A 110 10.24 -0.11 -8.89
CA LYS A 110 10.00 -0.87 -10.15
C LYS A 110 11.31 -0.98 -10.93
N ARG A 111 12.04 0.12 -11.05
CA ARG A 111 13.32 0.16 -11.80
C ARG A 111 14.36 -0.68 -11.05
N HIS A 112 14.42 -0.58 -9.72
CA HIS A 112 15.35 -1.40 -8.92
C HIS A 112 15.07 -2.87 -9.26
N ASN A 113 13.79 -3.26 -9.25
CA ASN A 113 13.39 -4.68 -9.44
C ASN A 113 13.62 -5.13 -10.89
N ALA A 114 13.76 -4.22 -11.86
CA ALA A 114 14.06 -4.50 -13.28
C ALA A 114 15.59 -4.49 -13.54
N GLY A 115 16.43 -4.26 -12.52
CA GLY A 115 17.89 -4.20 -12.68
C GLY A 115 18.34 -2.89 -13.31
N ASN A 116 17.48 -1.88 -13.36
CA ASN A 116 17.77 -0.54 -13.93
C ASN A 116 18.23 0.38 -12.79
N LYS A 117 19.49 0.25 -12.39
CA LYS A 117 20.04 0.92 -11.22
C LYS A 117 20.13 2.40 -11.49
N VAL A 118 20.65 2.78 -12.65
CA VAL A 118 20.78 4.23 -12.99
C VAL A 118 19.40 4.87 -12.99
N GLY A 119 18.44 4.22 -13.64
CA GLY A 119 17.04 4.66 -13.66
C GLY A 119 16.47 4.77 -12.26
N CYS A 120 16.76 3.79 -11.39
CA CYS A 120 16.26 3.81 -9.99
C CYS A 120 16.82 5.06 -9.31
N ALA A 121 18.13 5.32 -9.42
CA ALA A 121 18.77 6.51 -8.78
C ALA A 121 18.09 7.79 -9.31
N GLU A 122 17.84 7.88 -10.61
CA GLU A 122 17.12 9.05 -11.17
C GLU A 122 15.73 9.17 -10.54
N ALA A 123 14.93 8.10 -10.53
CA ALA A 123 13.52 8.14 -10.06
C ALA A 123 13.44 8.38 -8.54
N MET A 124 14.46 7.96 -7.80
CA MET A 124 14.54 8.22 -6.35
C MET A 124 14.44 9.74 -6.12
N GLN A 125 15.07 10.50 -6.97
CA GLN A 125 15.26 11.97 -6.78
C GLN A 125 14.02 12.75 -7.22
N TRP A 126 13.01 12.10 -7.77
CA TRP A 126 11.72 12.76 -8.08
C TRP A 126 11.00 13.17 -6.78
N TRP A 127 11.29 12.55 -5.65
CA TRP A 127 10.55 12.72 -4.39
C TRP A 127 11.13 13.94 -3.62
N ASN A 128 10.86 15.14 -4.17
CA ASN A 128 11.47 16.36 -3.56
C ASN A 128 10.36 17.39 -3.24
N LYS A 129 9.09 17.03 -3.36
CA LYS A 129 7.95 17.98 -3.15
C LYS A 129 7.41 17.88 -1.74
N VAL A 130 6.90 18.98 -1.19
CA VAL A 130 6.21 19.01 0.11
C VAL A 130 4.94 19.85 -0.12
N THR A 131 3.86 19.50 0.58
CA THR A 131 2.58 20.24 0.40
C THR A 131 2.63 21.45 1.34
N VAL A 132 2.53 22.63 0.77
CA VAL A 132 2.50 23.92 1.53
C VAL A 132 1.21 24.67 1.13
N LYS A 133 0.35 24.89 2.11
CA LYS A 133 -0.91 25.65 1.87
C LYS A 133 -1.65 25.04 0.68
N GLY A 134 -1.71 23.71 0.66
CA GLY A 134 -2.44 22.96 -0.36
C GLY A 134 -1.72 22.90 -1.70
N LYS A 135 -0.48 23.39 -1.81
CA LYS A 135 0.25 23.45 -3.10
C LYS A 135 1.56 22.68 -2.96
N LYS A 136 1.96 21.93 -3.98
CA LYS A 136 3.22 21.16 -3.98
C LYS A 136 4.37 22.13 -4.30
N VAL A 137 5.36 22.14 -3.44
CA VAL A 137 6.51 23.08 -3.49
C VAL A 137 7.79 22.20 -3.46
N THR A 138 8.75 22.52 -4.32
CA THR A 138 10.06 21.81 -4.29
C THR A 138 10.83 22.21 -3.04
N SER A 139 11.28 21.25 -2.24
CA SER A 139 12.10 21.46 -1.04
C SER A 139 13.59 21.30 -1.42
N ASN A 140 14.39 22.35 -1.24
CA ASN A 140 15.85 22.27 -1.49
C ASN A 140 16.46 21.27 -0.53
N GLY A 141 16.01 21.18 0.72
CA GLY A 141 16.50 20.20 1.71
C GLY A 141 16.28 18.79 1.22
N LEU A 142 15.09 18.51 0.69
CA LEU A 142 14.80 17.18 0.13
C LEU A 142 15.67 16.94 -1.12
N LYS A 143 15.84 17.93 -1.99
CA LYS A 143 16.75 17.72 -3.16
C LYS A 143 18.12 17.30 -2.65
N ASN A 144 18.62 17.92 -1.60
CA ASN A 144 19.97 17.57 -1.07
C ASN A 144 19.96 16.14 -0.53
N ARG A 145 18.94 15.80 0.26
CA ARG A 145 18.83 14.46 0.84
C ARG A 145 18.72 13.45 -0.30
N ARG A 146 17.91 13.73 -1.32
CA ARG A 146 17.74 12.77 -2.44
C ARG A 146 19.07 12.56 -3.17
N ARG A 147 19.82 13.63 -3.44
CA ARG A 147 21.10 13.43 -4.15
C ARG A 147 22.07 12.60 -3.27
N MET A 148 22.11 12.81 -1.95
CA MET A 148 22.99 12.01 -1.07
C MET A 148 22.52 10.55 -0.99
N GLU A 149 21.22 10.30 -1.02
CA GLU A 149 20.69 8.90 -1.01
C GLU A 149 21.04 8.25 -2.36
N ALA A 150 20.94 8.95 -3.48
CA ALA A 150 21.38 8.38 -4.80
C ALA A 150 22.88 8.03 -4.77
N ASP A 151 23.71 8.86 -4.13
CA ASP A 151 25.16 8.55 -4.00
C ASP A 151 25.36 7.25 -3.20
N ILE A 152 24.58 7.03 -2.14
CA ILE A 152 24.71 5.75 -1.37
C ILE A 152 24.33 4.61 -2.33
N TYR A 153 23.18 4.76 -3.00
CA TYR A 153 22.54 3.68 -3.78
C TYR A 153 23.54 3.26 -4.90
N LEU A 154 24.06 4.22 -5.66
CA LEU A 154 24.90 3.90 -6.85
C LEU A 154 26.33 3.61 -6.49
N ASP A 155 26.93 4.44 -5.65
CA ASP A 155 28.41 4.47 -5.46
C ASP A 155 28.85 4.01 -4.07
N SER A 156 27.93 3.68 -3.15
CA SER A 156 28.29 3.33 -1.77
C SER A 156 29.08 4.49 -1.11
N VAL A 157 28.73 5.72 -1.45
CA VAL A 157 29.36 6.95 -0.88
C VAL A 157 28.33 7.54 0.09
N TYR A 158 28.69 7.56 1.36
CA TYR A 158 27.79 7.92 2.48
C TYR A 158 28.16 9.32 2.94
N PRO A 159 27.19 10.06 3.50
CA PRO A 159 27.40 11.48 3.84
C PRO A 159 28.46 11.69 4.92
N LYS A 160 29.10 12.87 4.98
CA LYS A 160 29.96 13.30 6.15
C LYS A 160 29.87 14.82 6.43
N LEU B 1 -11.92 -17.70 12.44
CA LEU B 1 -11.98 -18.86 13.29
C LEU B 1 -11.41 -20.15 12.64
N TYR B 2 -11.17 -20.21 11.34
CA TYR B 2 -11.06 -21.50 10.60
C TYR B 2 -9.66 -21.70 9.99
N PHE B 3 -9.10 -20.67 9.31
CA PHE B 3 -7.83 -20.76 8.52
C PHE B 3 -6.83 -19.66 8.92
N GLN B 4 -5.54 -20.03 9.01
CA GLN B 4 -4.40 -19.16 9.42
C GLN B 4 -3.51 -18.79 8.21
N GLY B 5 -4.08 -18.63 7.01
CA GLY B 5 -3.35 -18.12 5.83
C GLY B 5 -3.40 -19.07 4.64
N HIS B 6 -2.91 -18.60 3.48
CA HIS B 6 -2.87 -19.33 2.18
C HIS B 6 -4.28 -19.80 1.82
N MET B 7 -5.25 -18.91 1.89
CA MET B 7 -6.63 -19.25 1.51
C MET B 7 -6.83 -19.10 0.00
N GLN B 8 -7.85 -19.78 -0.53
CA GLN B 8 -8.28 -19.64 -1.94
C GLN B 8 -9.68 -19.03 -1.95
N LEU B 9 -10.03 -18.31 -2.99
CA LEU B 9 -11.41 -17.84 -3.23
C LEU B 9 -12.31 -19.07 -3.49
N SER B 10 -13.44 -19.19 -2.83
CA SER B 10 -14.32 -20.37 -2.99
C SER B 10 -15.11 -20.18 -4.29
N ARG B 11 -15.75 -21.25 -4.75
CA ARG B 11 -16.65 -21.18 -5.93
C ARG B 11 -17.75 -20.15 -5.65
N LYS B 12 -18.32 -20.20 -4.45
CA LYS B 12 -19.40 -19.23 -4.11
C LYS B 12 -18.82 -17.82 -4.13
N GLY B 13 -17.56 -17.63 -3.66
CA GLY B 13 -16.90 -16.31 -3.70
C GLY B 13 -16.76 -15.81 -5.16
N LEU B 14 -16.31 -16.69 -6.06
CA LEU B 14 -16.18 -16.31 -7.51
C LEU B 14 -17.56 -16.00 -8.10
N ASP B 15 -18.55 -16.77 -7.75
CA ASP B 15 -19.95 -16.60 -8.22
C ASP B 15 -20.42 -15.21 -7.80
N ALA B 16 -20.12 -14.79 -6.57
CA ALA B 16 -20.52 -13.47 -6.05
C ALA B 16 -19.84 -12.37 -6.85
N ILE B 17 -18.53 -12.48 -7.13
CA ILE B 17 -17.84 -11.42 -7.90
C ILE B 17 -18.44 -11.35 -9.32
N LYS B 18 -18.74 -12.51 -9.95
CA LYS B 18 -19.41 -12.54 -11.28
C LYS B 18 -20.71 -11.74 -11.17
N PHE B 19 -21.49 -12.05 -10.13
CA PHE B 19 -22.82 -11.43 -9.89
C PHE B 19 -22.68 -9.91 -9.80
N PHE B 20 -21.70 -9.44 -9.05
CA PHE B 20 -21.50 -7.99 -8.85
C PHE B 20 -20.99 -7.28 -10.13
N GLU B 21 -20.18 -7.96 -10.95
CA GLU B 21 -19.59 -7.34 -12.15
C GLU B 21 -20.63 -7.32 -13.28
N GLY B 22 -21.54 -8.26 -13.29
CA GLY B 22 -22.39 -8.55 -14.45
C GLY B 22 -21.54 -9.10 -15.61
N LEU B 23 -22.20 -9.47 -16.70
CA LEU B 23 -21.50 -10.13 -17.85
C LEU B 23 -21.96 -9.49 -19.16
N GLU B 24 -21.03 -9.06 -19.99
CA GLU B 24 -21.32 -8.70 -21.38
C GLU B 24 -20.32 -9.40 -22.30
N LEU B 25 -20.79 -10.02 -23.36
CA LEU B 25 -19.88 -10.77 -24.28
C LEU B 25 -19.37 -9.86 -25.39
N GLU B 26 -19.97 -8.68 -25.55
CA GLU B 26 -19.49 -7.70 -26.57
C GLU B 26 -18.94 -6.51 -25.80
N ALA B 27 -17.78 -6.02 -26.22
CA ALA B 27 -17.17 -4.83 -25.60
C ALA B 27 -18.17 -3.67 -25.62
N TYR B 28 -18.19 -2.91 -24.54
CA TYR B 28 -19.03 -1.70 -24.37
C TYR B 28 -18.15 -0.68 -23.65
N GLU B 29 -18.44 0.58 -23.93
CA GLU B 29 -17.75 1.70 -23.25
C GLU B 29 -18.58 1.95 -22.01
N ASP B 30 -17.97 1.85 -20.84
CA ASP B 30 -18.59 2.17 -19.56
C ASP B 30 -18.85 3.69 -19.50
N SER B 31 -19.41 4.11 -18.39
CA SER B 31 -19.86 5.50 -18.10
C SER B 31 -18.64 6.42 -18.11
N ALA B 32 -17.45 5.91 -17.75
CA ALA B 32 -16.18 6.68 -17.68
C ALA B 32 -15.41 6.58 -19.01
N GLY B 33 -15.96 5.92 -20.03
CA GLY B 33 -15.42 5.90 -21.39
C GLY B 33 -14.46 4.74 -21.65
N ILE B 34 -14.36 3.78 -20.73
CA ILE B 34 -13.37 2.67 -20.86
C ILE B 34 -14.01 1.44 -21.51
N PRO B 35 -13.47 0.95 -22.65
CA PRO B 35 -13.95 -0.30 -23.23
C PRO B 35 -13.77 -1.44 -22.25
N THR B 36 -14.87 -2.15 -21.99
CA THR B 36 -15.02 -3.19 -20.99
C THR B 36 -15.70 -4.41 -21.61
N ILE B 37 -15.33 -5.59 -21.14
CA ILE B 37 -15.90 -6.85 -21.70
C ILE B 37 -15.91 -7.92 -20.61
N GLY B 38 -16.76 -8.94 -20.79
CA GLY B 38 -16.85 -10.01 -19.81
C GLY B 38 -17.37 -9.58 -18.46
N TYR B 39 -16.73 -10.05 -17.42
CA TYR B 39 -17.06 -9.74 -16.01
C TYR B 39 -16.22 -8.54 -15.59
N GLY B 40 -16.39 -7.42 -16.28
CA GLY B 40 -15.70 -6.15 -15.94
C GLY B 40 -14.24 -6.11 -16.36
N THR B 41 -13.83 -6.92 -17.32
CA THR B 41 -12.43 -6.92 -17.84
C THR B 41 -12.15 -5.67 -18.69
N ILE B 42 -11.01 -5.00 -18.47
CA ILE B 42 -10.59 -3.84 -19.32
C ILE B 42 -9.18 -4.05 -19.90
N ARG B 43 -8.50 -5.14 -19.57
CA ARG B 43 -7.16 -5.51 -20.15
C ARG B 43 -7.13 -7.03 -20.33
N ILE B 44 -6.71 -7.49 -21.50
CA ILE B 44 -6.57 -8.92 -21.88
C ILE B 44 -5.13 -9.14 -22.35
N ASP B 45 -4.41 -10.09 -21.73
CA ASP B 45 -3.02 -10.46 -22.12
C ASP B 45 -2.21 -9.16 -22.23
N GLY B 46 -2.37 -8.27 -21.23
CA GLY B 46 -1.63 -7.00 -21.05
C GLY B 46 -2.02 -5.88 -22.04
N LYS B 47 -3.03 -6.06 -22.87
CA LYS B 47 -3.47 -5.09 -23.91
C LYS B 47 -4.86 -4.59 -23.54
N PRO B 48 -5.22 -3.33 -23.90
CA PRO B 48 -6.55 -2.84 -23.60
C PRO B 48 -7.58 -3.62 -24.39
N VAL B 49 -8.78 -3.74 -23.81
CA VAL B 49 -10.00 -4.20 -24.52
C VAL B 49 -10.30 -3.16 -25.59
N LYS B 50 -10.71 -3.61 -26.76
CA LYS B 50 -11.10 -2.78 -27.91
C LYS B 50 -12.59 -2.93 -28.18
N MET B 51 -13.25 -1.84 -28.51
CA MET B 51 -14.64 -1.92 -29.01
C MET B 51 -14.68 -2.87 -30.23
N GLY B 52 -15.78 -3.60 -30.38
CA GLY B 52 -15.90 -4.60 -31.47
C GLY B 52 -15.43 -5.97 -31.06
N MET B 53 -14.76 -6.11 -29.92
CA MET B 53 -14.33 -7.41 -29.41
C MET B 53 -15.57 -8.19 -28.95
N LYS B 54 -15.54 -9.49 -29.19
CA LYS B 54 -16.60 -10.44 -28.80
C LYS B 54 -15.88 -11.63 -28.19
N ILE B 55 -16.40 -12.14 -27.08
CA ILE B 55 -15.80 -13.29 -26.36
C ILE B 55 -16.93 -14.26 -25.98
N THR B 56 -16.58 -15.48 -25.64
CA THR B 56 -17.51 -16.48 -25.05
C THR B 56 -17.59 -16.31 -23.56
N ALA B 57 -18.61 -16.88 -22.94
CA ALA B 57 -18.76 -16.95 -21.49
C ALA B 57 -17.54 -17.63 -20.83
N GLU B 58 -16.98 -18.64 -21.51
CA GLU B 58 -15.77 -19.34 -20.94
C GLU B 58 -14.58 -18.38 -20.95
N GLN B 59 -14.38 -17.66 -22.04
CA GLN B 59 -13.31 -16.65 -22.13
C GLN B 59 -13.48 -15.60 -21.04
N ALA B 60 -14.72 -15.13 -20.81
CA ALA B 60 -14.98 -14.12 -19.77
C ALA B 60 -14.55 -14.68 -18.41
N GLU B 61 -14.87 -15.93 -18.12
CA GLU B 61 -14.50 -16.51 -16.81
C GLU B 61 -12.94 -16.64 -16.74
N GLN B 62 -12.35 -17.03 -17.85
CA GLN B 62 -10.87 -17.19 -17.92
C GLN B 62 -10.20 -15.84 -17.56
N TYR B 63 -10.70 -14.72 -18.11
CA TYR B 63 -10.05 -13.40 -17.89
C TYR B 63 -10.27 -13.02 -16.42
N LEU B 64 -11.46 -13.31 -15.86
CA LEU B 64 -11.72 -13.00 -14.44
C LEU B 64 -10.79 -13.82 -13.55
N LEU B 65 -10.63 -15.12 -13.82
CA LEU B 65 -9.75 -16.03 -13.01
C LEU B 65 -8.34 -15.44 -12.98
N ALA B 66 -7.87 -14.97 -14.14
CA ALA B 66 -6.50 -14.45 -14.27
C ALA B 66 -6.40 -13.16 -13.46
N ASP B 67 -7.37 -12.27 -13.59
CA ASP B 67 -7.30 -10.91 -13.01
C ASP B 67 -7.45 -11.01 -11.49
N VAL B 68 -8.21 -11.99 -10.95
CA VAL B 68 -8.56 -11.98 -9.51
C VAL B 68 -7.37 -12.50 -8.69
N GLU B 69 -6.44 -13.28 -9.33
CA GLU B 69 -5.40 -14.00 -8.54
C GLU B 69 -4.62 -12.98 -7.70
N LYS B 70 -4.23 -11.83 -8.23
CA LYS B 70 -3.37 -10.89 -7.47
C LYS B 70 -4.12 -10.32 -6.27
N PHE B 71 -5.45 -10.22 -6.31
CA PHE B 71 -6.31 -9.72 -5.22
C PHE B 71 -6.42 -10.80 -4.12
N VAL B 72 -6.59 -12.07 -4.49
CA VAL B 72 -6.49 -13.22 -3.53
C VAL B 72 -5.14 -13.15 -2.78
N ALA B 73 -4.06 -12.99 -3.53
CA ALA B 73 -2.69 -12.96 -2.97
C ALA B 73 -2.61 -11.80 -1.97
N ALA B 74 -3.15 -10.65 -2.33
CA ALA B 74 -2.98 -9.41 -1.53
C ALA B 74 -3.79 -9.57 -0.24
N VAL B 75 -4.96 -10.16 -0.32
CA VAL B 75 -5.80 -10.32 0.90
C VAL B 75 -5.07 -11.30 1.82
N ASN B 76 -4.53 -12.40 1.28
CA ASN B 76 -3.76 -13.37 2.08
C ASN B 76 -2.65 -12.65 2.84
N LYS B 77 -1.91 -11.76 2.17
CA LYS B 77 -0.77 -11.06 2.81
C LYS B 77 -1.26 -10.05 3.85
N ALA B 78 -2.44 -9.42 3.67
CA ALA B 78 -2.97 -8.37 4.56
C ALA B 78 -3.59 -8.97 5.84
N ILE B 79 -4.11 -10.18 5.78
CA ILE B 79 -4.84 -10.80 6.93
C ILE B 79 -3.79 -11.36 7.91
N LYS B 80 -3.99 -11.12 9.20
CA LYS B 80 -3.01 -11.53 10.26
C LYS B 80 -3.66 -12.42 11.32
N VAL B 81 -4.90 -12.83 11.13
CA VAL B 81 -5.73 -13.51 12.17
C VAL B 81 -6.44 -14.66 11.49
N PRO B 82 -6.92 -15.64 12.30
CA PRO B 82 -7.77 -16.72 11.82
C PRO B 82 -8.99 -16.14 11.12
N THR B 83 -9.28 -16.68 9.93
CA THR B 83 -10.29 -16.13 9.00
C THR B 83 -11.17 -17.25 8.47
N THR B 84 -12.48 -17.06 8.37
CA THR B 84 -13.40 -18.07 7.82
C THR B 84 -13.42 -17.93 6.28
N GLN B 85 -13.90 -18.97 5.58
CA GLN B 85 -13.93 -18.95 4.10
C GLN B 85 -14.77 -17.78 3.63
N ASN B 86 -15.93 -17.56 4.29
CA ASN B 86 -16.86 -16.50 3.86
C ASN B 86 -16.25 -15.13 4.15
N GLU B 87 -15.56 -14.96 5.29
CA GLU B 87 -14.91 -13.66 5.56
C GLU B 87 -13.90 -13.39 4.40
N PHE B 88 -13.08 -14.40 4.07
CA PHE B 88 -12.04 -14.27 3.01
C PHE B 88 -12.70 -13.90 1.66
N ASP B 89 -13.75 -14.62 1.28
CA ASP B 89 -14.46 -14.37 0.00
C ASP B 89 -14.94 -12.90 -0.04
N ALA B 90 -15.56 -12.43 1.05
CA ALA B 90 -16.08 -11.06 1.12
C ALA B 90 -14.95 -10.04 0.98
N LEU B 91 -13.86 -10.23 1.69
CA LEU B 91 -12.71 -9.33 1.64
C LEU B 91 -12.11 -9.30 0.21
N VAL B 92 -12.03 -10.45 -0.44
CA VAL B 92 -11.48 -10.48 -1.84
C VAL B 92 -12.46 -9.74 -2.77
N SER B 93 -13.76 -10.00 -2.64
CA SER B 93 -14.79 -9.34 -3.47
C SER B 93 -14.62 -7.81 -3.35
N GLU B 94 -14.57 -7.28 -2.13
CA GLU B 94 -14.49 -5.83 -1.92
C GLU B 94 -13.16 -5.31 -2.46
N THR B 95 -12.05 -6.00 -2.20
CA THR B 95 -10.72 -5.56 -2.63
C THR B 95 -10.66 -5.52 -4.19
N TYR B 96 -11.32 -6.47 -4.84
CA TYR B 96 -11.36 -6.53 -6.31
C TYR B 96 -12.02 -5.27 -6.87
N ASN B 97 -12.89 -4.63 -6.09
CA ASN B 97 -13.57 -3.36 -6.48
C ASN B 97 -12.77 -2.15 -6.03
N ILE B 98 -12.29 -2.09 -4.81
CA ILE B 98 -11.67 -0.84 -4.29
C ILE B 98 -10.16 -0.78 -4.61
N GLY B 99 -9.54 -1.91 -4.93
CA GLY B 99 -8.11 -2.04 -5.27
C GLY B 99 -7.27 -2.40 -4.05
N ILE B 100 -6.06 -2.84 -4.30
CA ILE B 100 -5.15 -3.44 -3.28
C ILE B 100 -4.74 -2.37 -2.27
N THR B 101 -4.21 -1.22 -2.72
CA THR B 101 -3.73 -0.17 -1.81
C THR B 101 -4.85 0.32 -0.90
N ALA B 102 -6.08 0.46 -1.43
CA ALA B 102 -7.20 0.95 -0.61
C ALA B 102 -7.48 -0.05 0.53
N MET B 103 -7.55 -1.34 0.18
CA MET B 103 -7.80 -2.42 1.17
C MET B 103 -6.65 -2.38 2.21
N GLN B 104 -5.40 -2.30 1.77
CA GLN B 104 -4.22 -2.46 2.68
C GLN B 104 -4.26 -1.38 3.79
N ASP B 105 -4.72 -0.19 3.46
CA ASP B 105 -4.69 0.98 4.36
C ASP B 105 -6.07 1.23 4.96
N SER B 106 -7.04 0.35 4.76
CA SER B 106 -8.46 0.54 5.16
C SER B 106 -8.63 0.34 6.67
N THR B 107 -9.63 0.98 7.25
CA THR B 107 -10.09 0.67 8.61
C THR B 107 -10.64 -0.76 8.67
N PHE B 108 -11.35 -1.24 7.66
CA PHE B 108 -12.00 -2.56 7.75
C PHE B 108 -10.93 -3.63 7.95
N ILE B 109 -9.78 -3.56 7.29
CA ILE B 109 -8.77 -4.65 7.43
C ILE B 109 -8.14 -4.56 8.83
N LYS B 110 -7.98 -3.36 9.36
CA LYS B 110 -7.44 -3.11 10.71
C LYS B 110 -8.39 -3.80 11.70
N ARG B 111 -9.69 -3.58 11.54
CA ARG B 111 -10.71 -4.14 12.46
C ARG B 111 -10.75 -5.65 12.32
N HIS B 112 -10.69 -6.17 11.10
CA HIS B 112 -10.67 -7.65 10.89
C HIS B 112 -9.47 -8.20 11.67
N ASN B 113 -8.31 -7.56 11.55
CA ASN B 113 -7.07 -8.05 12.21
C ASN B 113 -7.08 -7.79 13.72
N ALA B 114 -8.01 -7.02 14.26
CA ALA B 114 -8.24 -6.85 15.72
C ALA B 114 -9.32 -7.83 16.23
N GLY B 115 -9.81 -8.75 15.37
CA GLY B 115 -10.89 -9.71 15.62
C GLY B 115 -12.26 -9.06 15.79
N ASN B 116 -12.44 -7.84 15.31
CA ASN B 116 -13.69 -7.02 15.43
C ASN B 116 -14.51 -7.21 14.16
N LYS B 117 -15.23 -8.31 14.08
CA LYS B 117 -15.95 -8.74 12.87
C LYS B 117 -17.06 -7.75 12.58
N VAL B 118 -17.87 -7.41 13.56
CA VAL B 118 -18.99 -6.47 13.27
C VAL B 118 -18.43 -5.11 12.84
N GLY B 119 -17.39 -4.64 13.49
CA GLY B 119 -16.77 -3.36 13.13
C GLY B 119 -16.16 -3.41 11.75
N CYS B 120 -15.58 -4.55 11.36
CA CYS B 120 -15.06 -4.79 10.02
C CYS B 120 -16.23 -4.66 9.01
N ALA B 121 -17.33 -5.36 9.26
CA ALA B 121 -18.51 -5.32 8.37
C ALA B 121 -19.00 -3.86 8.25
N GLU B 122 -19.08 -3.12 9.36
CA GLU B 122 -19.48 -1.70 9.32
C GLU B 122 -18.51 -0.90 8.43
N ALA B 123 -17.20 -0.98 8.67
CA ALA B 123 -16.18 -0.19 7.93
C ALA B 123 -16.07 -0.59 6.47
N MET B 124 -16.36 -1.85 6.15
CA MET B 124 -16.40 -2.32 4.75
C MET B 124 -17.39 -1.43 3.99
N GLN B 125 -18.53 -1.11 4.62
CA GLN B 125 -19.64 -0.40 3.95
C GLN B 125 -19.36 1.10 3.78
N TRP B 126 -18.27 1.63 4.34
CA TRP B 126 -17.89 3.05 4.14
C TRP B 126 -17.49 3.25 2.67
N TRP B 127 -17.09 2.20 1.94
CA TRP B 127 -16.51 2.29 0.57
C TRP B 127 -17.69 2.31 -0.41
N ASN B 128 -18.50 3.36 -0.33
CA ASN B 128 -19.66 3.50 -1.25
C ASN B 128 -19.60 4.82 -2.03
N LYS B 129 -18.46 5.50 -2.00
CA LYS B 129 -18.28 6.85 -2.62
C LYS B 129 -17.60 6.74 -3.96
N VAL B 130 -18.05 7.58 -4.91
CA VAL B 130 -17.49 7.68 -6.28
C VAL B 130 -17.16 9.17 -6.45
N THR B 131 -16.07 9.45 -7.17
CA THR B 131 -15.65 10.86 -7.43
C THR B 131 -16.39 11.30 -8.69
N VAL B 132 -17.27 12.29 -8.54
CA VAL B 132 -18.11 12.83 -9.64
C VAL B 132 -17.83 14.33 -9.72
N LYS B 133 -17.28 14.79 -10.84
CA LYS B 133 -16.94 16.21 -11.04
C LYS B 133 -16.21 16.78 -9.81
N GLY B 134 -15.19 16.07 -9.36
CA GLY B 134 -14.34 16.52 -8.25
C GLY B 134 -15.00 16.38 -6.88
N LYS B 135 -16.18 15.75 -6.76
CA LYS B 135 -16.93 15.66 -5.47
C LYS B 135 -17.19 14.19 -5.17
N LYS B 136 -17.12 13.77 -3.91
CA LYS B 136 -17.50 12.38 -3.52
C LYS B 136 -19.03 12.31 -3.44
N VAL B 137 -19.62 11.38 -4.17
CA VAL B 137 -21.09 11.15 -4.10
C VAL B 137 -21.30 9.67 -3.74
N THR B 138 -22.28 9.43 -2.89
CA THR B 138 -22.69 8.04 -2.53
C THR B 138 -23.32 7.39 -3.76
N SER B 139 -22.86 6.20 -4.11
CA SER B 139 -23.40 5.34 -5.16
C SER B 139 -24.37 4.35 -4.57
N ASN B 140 -25.64 4.42 -4.96
CA ASN B 140 -26.66 3.42 -4.59
C ASN B 140 -26.18 2.01 -4.93
N GLY B 141 -25.65 1.77 -6.14
CA GLY B 141 -25.16 0.45 -6.56
C GLY B 141 -23.98 -0.04 -5.69
N LEU B 142 -23.06 0.84 -5.33
CA LEU B 142 -21.94 0.44 -4.43
C LEU B 142 -22.52 0.15 -3.05
N LYS B 143 -23.44 0.95 -2.56
CA LYS B 143 -24.06 0.69 -1.23
C LYS B 143 -24.69 -0.73 -1.26
N ASN B 144 -25.40 -1.09 -2.33
CA ASN B 144 -26.00 -2.44 -2.48
C ASN B 144 -24.89 -3.50 -2.47
N ARG B 145 -23.84 -3.31 -3.26
CA ARG B 145 -22.75 -4.30 -3.34
C ARG B 145 -22.10 -4.41 -1.94
N ARG B 146 -21.86 -3.27 -1.26
CA ARG B 146 -21.16 -3.34 0.06
C ARG B 146 -22.06 -4.09 1.07
N ARG B 147 -23.37 -3.83 1.04
CA ARG B 147 -24.32 -4.55 1.94
CA ARG B 147 -24.33 -4.55 1.95
C ARG B 147 -24.25 -6.07 1.67
N MET B 148 -24.21 -6.47 0.40
CA MET B 148 -24.16 -7.90 0.04
C MET B 148 -22.79 -8.49 0.44
N GLU B 149 -21.70 -7.77 0.32
CA GLU B 149 -20.36 -8.25 0.76
C GLU B 149 -20.35 -8.37 2.30
N ALA B 150 -20.97 -7.45 3.04
CA ALA B 150 -21.07 -7.58 4.52
C ALA B 150 -21.89 -8.81 4.89
N ASP B 151 -22.97 -9.12 4.16
CA ASP B 151 -23.78 -10.35 4.39
C ASP B 151 -22.93 -11.61 4.20
N ILE B 152 -22.07 -11.63 3.19
CA ILE B 152 -21.16 -12.79 3.01
C ILE B 152 -20.27 -12.83 4.26
N TYR B 153 -19.65 -11.71 4.59
CA TYR B 153 -18.60 -11.63 5.65
C TYR B 153 -19.18 -12.11 6.98
N LEU B 154 -20.36 -11.59 7.36
CA LEU B 154 -20.93 -11.87 8.70
C LEU B 154 -21.65 -13.19 8.72
N ASP B 155 -22.47 -13.48 7.73
CA ASP B 155 -23.50 -14.56 7.84
C ASP B 155 -23.33 -15.65 6.80
N SER B 156 -22.33 -15.58 5.94
CA SER B 156 -22.12 -16.56 4.86
C SER B 156 -23.37 -16.62 3.97
N VAL B 157 -24.00 -15.45 3.73
CA VAL B 157 -25.20 -15.36 2.86
C VAL B 157 -24.76 -14.73 1.56
N TYR B 158 -24.80 -15.50 0.47
CA TYR B 158 -24.22 -15.07 -0.83
C TYR B 158 -25.35 -14.61 -1.74
N PRO B 159 -25.06 -13.74 -2.70
CA PRO B 159 -26.10 -13.16 -3.56
C PRO B 159 -26.85 -14.20 -4.40
N LYS B 160 -28.16 -13.95 -4.58
CA LYS B 160 -29.19 -14.62 -5.43
C LYS B 160 -28.59 -15.89 -6.06
P PO4 C . 6.39 7.80 -8.92
O1 PO4 C . 6.32 7.46 -10.41
O2 PO4 C . 6.23 9.31 -8.76
O3 PO4 C . 7.74 7.37 -8.40
O4 PO4 C . 5.30 7.10 -8.14
P PO4 D . 9.56 3.29 -16.14
O1 PO4 D . 9.48 2.75 -17.57
O2 PO4 D . 8.68 4.54 -16.02
O3 PO4 D . 11.00 3.61 -15.85
O4 PO4 D . 9.07 2.21 -15.15
P PO4 E . -10.98 4.00 5.52
O1 PO4 E . -9.58 4.45 5.09
O2 PO4 E . -12.01 4.47 4.49
O3 PO4 E . -10.94 2.52 5.56
O4 PO4 E . -11.37 4.59 6.85
P PO4 F . -11.14 2.25 14.60
O1 PO4 F . -9.98 3.01 13.92
O2 PO4 F . -12.43 3.05 14.44
O3 PO4 F . -11.25 0.89 13.96
O4 PO4 F . -10.85 2.08 16.09
#